data_1PW6
#
_entry.id   1PW6
#
_cell.length_a   79.889
_cell.length_b   79.889
_cell.length_c   171.891
_cell.angle_alpha   90.00
_cell.angle_beta   90.00
_cell.angle_gamma   90.00
#
_symmetry.space_group_name_H-M   'P 41 2 2'
#
loop_
_entity.id
_entity.type
_entity.pdbx_description
1 polymer Interleukin-2
2 non-polymer 'SULFATE ION'
3 non-polymer 2-CYCLOHEXYL-N-(2-{4-[5-(2,3-DICHLORO-PHENYL)-2H-PYRAZOL-3-YL]-PIPERIDIN-1-YL}-2-OXO-ETHYL)-2-GUANIDINO-ACETAMIDE
#
_entity_poly.entity_id   1
_entity_poly.type   'polypeptide(L)'
_entity_poly.pdbx_seq_one_letter_code
;APTSSSTKKTQLQLEHLLLDLQMILNGINNYKNPKLTRMLTFKFYMPKKATELKHLQCLEEELKPLEEVLNLAQSKNFHL
RPRDLISNINVIVLELKGSETTFMCEYADETATIVEFLNRWITFCQSIISTLT
;
_entity_poly.pdbx_strand_id   A,B
#
loop_
_chem_comp.id
_chem_comp.type
_chem_comp.name
_chem_comp.formula
FRB non-polymer 2-CYCLOHEXYL-N-(2-{4-[5-(2,3-DICHLORO-PHENYL)-2H-PYRAZOL-3-YL]-PIPERIDIN-1-YL}-2-OXO-ETHYL)-2-GUANIDINO-ACETAMIDE 'C25 H33 Cl2 N7 O2'
SO4 non-polymer 'SULFATE ION' 'O4 S -2'
#
# COMPACT_ATOMS: atom_id res chain seq x y z
N SER A 6 17.47 37.99 2.97
CA SER A 6 16.73 37.19 1.96
C SER A 6 17.17 35.73 1.94
N THR A 7 18.49 35.50 1.89
CA THR A 7 19.07 34.17 2.00
C THR A 7 18.96 33.68 3.44
N LYS A 8 19.03 34.63 4.39
CA LYS A 8 18.84 34.31 5.80
C LYS A 8 17.40 33.87 6.09
N LYS A 9 16.45 34.48 5.38
CA LYS A 9 15.04 34.08 5.48
C LYS A 9 14.85 32.63 5.05
N THR A 10 15.52 32.26 3.96
CA THR A 10 15.52 30.88 3.47
C THR A 10 16.26 29.96 4.46
N GLN A 11 17.37 30.45 5.00
CA GLN A 11 18.18 29.71 5.97
C GLN A 11 17.39 29.38 7.24
N LEU A 12 16.65 30.36 7.73
CA LEU A 12 15.83 30.19 8.93
C LEU A 12 14.64 29.25 8.68
N GLN A 13 13.99 29.42 7.53
CA GLN A 13 12.91 28.54 7.10
C GLN A 13 13.39 27.08 7.01
N LEU A 14 14.59 26.89 6.48
CA LEU A 14 15.21 25.56 6.39
C LEU A 14 15.51 24.99 7.77
N GLU A 15 15.95 25.87 8.68
CA GLU A 15 16.25 25.49 10.06
C GLU A 15 15.02 24.99 10.80
N HIS A 16 13.88 25.62 10.55
CA HIS A 16 12.60 25.19 11.14
C HIS A 16 12.16 23.86 10.55
N LEU A 17 12.36 23.71 9.24
CA LEU A 17 12.05 22.46 8.55
C LEU A 17 12.86 21.29 9.12
N LEU A 18 14.18 21.47 9.18
CA LEU A 18 15.08 20.48 9.77
C LEU A 18 14.65 20.09 11.17
N LEU A 19 14.40 21.09 12.01
CA LEU A 19 13.96 20.85 13.38
C LEU A 19 12.64 20.08 13.45
N ASP A 20 11.70 20.42 12.59
CA ASP A 20 10.39 19.76 12.56
C ASP A 20 10.51 18.28 12.23
N LEU A 21 11.35 17.96 11.24
CA LEU A 21 11.59 16.58 10.84
C LEU A 21 12.30 15.80 11.94
N GLN A 22 13.24 16.46 12.61
CA GLN A 22 14.01 15.83 13.68
C GLN A 22 13.13 15.51 14.89
N MET A 23 12.15 16.38 15.14
CA MET A 23 11.17 16.19 16.21
C MET A 23 10.37 14.91 16.01
N ILE A 24 9.86 14.73 14.79
CA ILE A 24 9.11 13.54 14.40
C ILE A 24 9.97 12.28 14.57
N LEU A 25 11.21 12.35 14.07
CA LEU A 25 12.17 11.25 14.17
C LEU A 25 12.43 10.87 15.63
N ASN A 26 12.62 11.86 16.48
CA ASN A 26 12.83 11.64 17.91
C ASN A 26 11.60 11.08 18.61
N GLY A 27 10.42 11.45 18.12
CA GLY A 27 9.17 10.94 18.64
C GLY A 27 8.89 9.51 18.24
N ILE A 28 9.70 8.97 17.33
CA ILE A 28 9.53 7.61 16.83
C ILE A 28 10.23 6.56 17.70
N ASN A 29 11.32 6.96 18.36
CA ASN A 29 12.08 6.07 19.22
C ASN A 29 11.38 5.74 20.55
N ASN A 30 10.50 6.64 21.00
CA ASN A 30 9.77 6.50 22.26
C ASN A 30 8.68 5.42 22.25
N TYR A 31 8.25 5.00 21.06
CA TYR A 31 7.17 4.03 20.91
C TYR A 31 7.52 2.65 21.51
N LYS A 32 6.52 1.78 21.60
CA LYS A 32 6.67 0.47 22.23
C LYS A 32 7.43 -0.52 21.34
N ASN A 33 6.81 -1.67 21.07
CA ASN A 33 7.39 -2.69 20.18
C ASN A 33 6.39 -3.26 19.16
N PRO A 34 5.13 -3.49 19.56
CA PRO A 34 4.06 -3.75 18.59
C PRO A 34 3.69 -2.51 17.77
N LYS A 35 4.11 -1.34 18.25
CA LYS A 35 3.89 -0.08 17.55
C LYS A 35 5.00 0.19 16.53
N LEU A 36 6.25 0.09 16.98
CA LEU A 36 7.42 0.39 16.13
C LEU A 36 7.55 -0.57 14.93
N THR A 37 7.41 -1.87 15.21
CA THR A 37 7.52 -2.90 14.16
C THR A 37 6.44 -2.74 13.09
N ARG A 38 5.20 -2.51 13.54
CA ARG A 38 4.08 -2.30 12.64
C ARG A 38 4.19 -0.99 11.87
N MET A 39 4.78 0.03 12.51
CA MET A 39 4.99 1.32 11.88
C MET A 39 6.00 1.26 10.74
N LEU A 40 7.02 0.41 10.90
CA LEU A 40 8.11 0.29 9.93
C LEU A 40 7.72 -0.44 8.64
N THR A 41 6.56 -1.09 8.63
CA THR A 41 6.08 -1.79 7.44
C THR A 41 5.55 -0.80 6.39
N PHE A 42 5.22 0.41 6.83
CA PHE A 42 4.72 1.44 5.92
C PHE A 42 5.83 1.96 5.01
N LYS A 43 5.56 1.95 3.71
CA LYS A 43 6.57 2.28 2.71
C LYS A 43 6.39 3.68 2.13
N PHE A 44 7.50 4.40 2.00
CA PHE A 44 7.52 5.78 1.52
C PHE A 44 8.30 5.91 0.22
N TYR A 45 7.91 6.86 -0.61
CA TYR A 45 8.63 7.16 -1.85
C TYR A 45 9.86 8.02 -1.55
N MET A 46 10.99 7.63 -2.15
CA MET A 46 12.23 8.39 -2.02
C MET A 46 12.53 9.08 -3.34
N PRO A 47 12.96 10.35 -3.29
CA PRO A 47 13.27 11.11 -4.50
C PRO A 47 14.52 10.57 -5.18
N LYS A 48 14.48 10.47 -6.51
CA LYS A 48 15.64 10.08 -7.29
C LYS A 48 16.72 11.17 -7.21
N LYS A 49 16.27 12.42 -7.16
CA LYS A 49 17.15 13.58 -7.12
C LYS A 49 16.62 14.59 -6.11
N ALA A 50 17.45 14.94 -5.13
CA ALA A 50 17.10 15.94 -4.13
C ALA A 50 18.35 16.70 -3.67
N THR A 51 18.67 17.78 -4.38
CA THR A 51 19.88 18.56 -4.12
C THR A 51 19.64 20.07 -4.09
N GLU A 52 18.48 20.51 -4.59
CA GLU A 52 18.11 21.93 -4.57
C GLU A 52 16.72 22.16 -4.01
N LEU A 53 16.42 23.42 -3.66
CA LEU A 53 15.16 23.79 -3.00
C LEU A 53 13.90 23.35 -3.76
N LYS A 54 13.94 23.43 -5.09
CA LYS A 54 12.79 23.06 -5.93
C LYS A 54 12.36 21.59 -5.75
N HIS A 55 13.29 20.74 -5.32
CA HIS A 55 13.02 19.31 -5.16
C HIS A 55 12.18 19.00 -3.91
N LEU A 56 11.86 20.03 -3.13
CA LEU A 56 11.04 19.86 -1.93
C LEU A 56 9.60 19.51 -2.27
N GLN A 57 9.25 19.61 -3.56
CA GLN A 57 7.99 19.10 -4.07
C GLN A 57 7.86 17.62 -3.71
N CYS A 58 8.98 16.91 -3.76
CA CYS A 58 9.02 15.47 -3.46
C CYS A 58 8.87 15.18 -1.97
N LEU A 59 9.02 16.21 -1.13
CA LEU A 59 8.65 16.09 0.27
C LEU A 59 7.14 16.32 0.41
N GLU A 60 6.63 17.40 -0.19
CA GLU A 60 5.20 17.73 -0.14
C GLU A 60 4.31 16.56 -0.58
N GLU A 61 4.77 15.84 -1.61
CA GLU A 61 3.99 14.75 -2.22
C GLU A 61 3.95 13.47 -1.38
N GLU A 62 4.63 13.50 -0.23
CA GLU A 62 4.63 12.37 0.69
C GLU A 62 4.29 12.78 2.12
N LEU A 63 3.75 14.00 2.28
CA LEU A 63 3.31 14.47 3.58
C LEU A 63 2.04 13.76 4.03
N LYS A 64 1.19 13.44 3.05
CA LYS A 64 -0.07 12.74 3.32
C LYS A 64 0.14 11.37 3.99
N PRO A 65 0.99 10.51 3.42
CA PRO A 65 1.36 9.24 4.07
C PRO A 65 2.11 9.44 5.39
N LEU A 66 2.91 10.50 5.48
CA LEU A 66 3.59 10.84 6.72
C LEU A 66 2.58 11.17 7.82
N GLU A 67 1.63 12.05 7.52
CA GLU A 67 0.57 12.39 8.47
C GLU A 67 -0.27 11.16 8.81
N GLU A 68 -0.58 10.37 7.79
CA GLU A 68 -1.35 9.13 7.95
C GLU A 68 -0.71 8.19 8.97
N VAL A 69 0.59 7.97 8.82
CA VAL A 69 1.34 7.03 9.66
C VAL A 69 1.51 7.54 11.09
N LEU A 70 1.64 8.86 11.23
CA LEU A 70 1.81 9.50 12.54
C LEU A 70 0.52 9.50 13.34
N ASN A 71 -0.61 9.55 12.64
CA ASN A 71 -1.92 9.48 13.28
C ASN A 71 -2.20 8.10 13.85
N LEU A 72 -1.76 7.07 13.13
CA LEU A 72 -1.91 5.68 13.55
C LEU A 72 -0.92 5.30 14.64
N ALA A 73 0.00 6.22 14.96
CA ALA A 73 1.05 5.98 15.96
C ALA A 73 0.86 6.78 17.25
N GLN A 74 -0.03 7.77 17.22
CA GLN A 74 -0.29 8.61 18.38
C GLN A 74 -1.30 7.98 19.32
N ARG A 81 -0.08 17.45 18.49
CA ARG A 81 -0.93 16.91 17.43
C ARG A 81 -0.15 16.75 16.13
N PRO A 82 -0.32 15.61 15.45
CA PRO A 82 0.39 15.34 14.19
C PRO A 82 -0.10 16.21 13.03
N ARG A 83 -1.36 16.61 13.07
CA ARG A 83 -1.97 17.46 12.03
C ARG A 83 -1.23 18.80 11.89
N ASP A 84 -0.89 19.41 13.02
CA ASP A 84 -0.30 20.75 13.05
C ASP A 84 1.19 20.76 12.71
N LEU A 85 1.90 19.71 13.10
CA LEU A 85 3.31 19.55 12.78
C LEU A 85 3.53 19.37 11.27
N ILE A 86 2.72 18.53 10.65
CA ILE A 86 2.74 18.32 9.20
C ILE A 86 2.23 19.56 8.46
N SER A 87 1.23 20.22 9.04
CA SER A 87 0.69 21.46 8.50
C SER A 87 1.78 22.52 8.41
N ASN A 88 2.59 22.62 9.46
CA ASN A 88 3.69 23.57 9.51
C ASN A 88 4.77 23.25 8.48
N ILE A 89 5.08 21.97 8.32
CA ILE A 89 6.06 21.54 7.34
C ILE A 89 5.61 21.94 5.93
N ASN A 90 4.32 21.74 5.66
CA ASN A 90 3.72 22.16 4.39
C ASN A 90 3.96 23.64 4.12
N VAL A 91 3.60 24.48 5.10
CA VAL A 91 3.77 25.93 4.98
C VAL A 91 5.21 26.29 4.62
N ILE A 92 6.16 25.74 5.37
CA ILE A 92 7.59 25.94 5.12
C ILE A 92 7.96 25.47 3.71
N VAL A 93 7.57 24.23 3.37
CA VAL A 93 7.87 23.65 2.06
C VAL A 93 7.33 24.51 0.92
N LEU A 94 6.09 24.98 1.05
CA LEU A 94 5.46 25.85 0.05
C LEU A 94 6.27 27.13 -0.17
N GLU A 95 6.78 27.70 0.91
CA GLU A 95 7.60 28.90 0.86
C GLU A 95 8.93 28.64 0.18
N LEU A 96 9.57 27.52 0.51
CA LEU A 96 10.92 27.22 0.06
C LEU A 96 11.01 26.69 -1.37
N LYS A 97 10.00 25.93 -1.80
CA LYS A 97 10.02 25.27 -3.11
C LYS A 97 9.95 26.23 -4.30
N GLY A 98 9.46 27.45 -4.06
CA GLY A 98 9.34 28.47 -5.09
C GLY A 98 8.09 28.30 -5.92
N SER A 99 7.46 29.43 -6.26
CA SER A 99 6.27 29.43 -7.09
C SER A 99 6.57 30.00 -8.48
N GLU A 100 7.13 29.16 -9.35
CA GLU A 100 7.40 29.52 -10.73
C GLU A 100 6.91 28.42 -11.67
N THR A 101 7.48 27.23 -11.52
CA THR A 101 7.05 26.04 -12.27
C THR A 101 6.95 24.87 -11.32
N THR A 102 6.07 23.92 -11.62
CA THR A 102 5.97 22.69 -10.84
C THR A 102 7.10 21.76 -11.21
N PHE A 103 7.86 21.32 -10.21
CA PHE A 103 8.91 20.34 -10.43
C PHE A 103 8.32 18.94 -10.60
N MET A 104 8.77 18.25 -11.63
CA MET A 104 8.30 16.90 -11.93
C MET A 104 9.10 15.87 -11.15
N CYS A 105 8.48 15.34 -10.09
CA CYS A 105 9.15 14.45 -9.15
C CYS A 105 9.34 13.04 -9.69
N GLU A 106 10.55 12.53 -9.56
CA GLU A 106 10.87 11.14 -9.90
C GLU A 106 11.30 10.39 -8.65
N TYR A 107 10.71 9.22 -8.44
CA TYR A 107 10.96 8.44 -7.22
C TYR A 107 11.66 7.12 -7.51
N ALA A 108 12.45 6.66 -6.55
CA ALA A 108 13.23 5.43 -6.68
C ALA A 108 12.32 4.19 -6.67
N ASP A 109 12.81 3.10 -7.24
CA ASP A 109 12.08 1.82 -7.23
C ASP A 109 12.06 1.22 -5.82
N GLU A 110 13.12 1.46 -5.06
CA GLU A 110 13.21 1.01 -3.67
C GLU A 110 12.54 2.01 -2.74
N THR A 111 11.50 1.55 -2.05
CA THR A 111 10.78 2.37 -1.07
C THR A 111 11.47 2.33 0.29
N ALA A 112 11.05 3.21 1.20
CA ALA A 112 11.70 3.34 2.50
C ALA A 112 10.73 3.28 3.68
N THR A 113 11.28 2.97 4.86
CA THR A 113 10.54 3.08 6.12
C THR A 113 10.38 4.55 6.46
N ILE A 114 9.60 4.86 7.50
CA ILE A 114 9.45 6.25 7.94
C ILE A 114 10.74 6.83 8.50
N VAL A 115 11.59 5.97 9.09
CA VAL A 115 12.90 6.37 9.62
C VAL A 115 13.84 6.75 8.48
N GLU A 116 13.96 5.88 7.49
CA GLU A 116 14.79 6.13 6.33
C GLU A 116 14.33 7.37 5.56
N PHE A 117 13.01 7.53 5.45
CA PHE A 117 12.38 8.68 4.80
C PHE A 117 12.75 10.01 5.47
N LEU A 118 12.64 10.04 6.79
CA LEU A 118 12.98 11.21 7.59
C LEU A 118 14.47 11.52 7.51
N ASN A 119 15.30 10.49 7.67
CA ASN A 119 16.75 10.64 7.58
C ASN A 119 17.22 11.20 6.24
N ARG A 120 16.47 10.89 5.18
CA ARG A 120 16.76 11.43 3.84
C ARG A 120 16.49 12.94 3.76
N TRP A 121 15.34 13.37 4.27
CA TRP A 121 14.97 14.78 4.24
C TRP A 121 15.69 15.61 5.29
N ILE A 122 16.16 14.96 6.35
CA ILE A 122 17.02 15.62 7.33
C ILE A 122 18.37 15.92 6.69
N THR A 123 18.96 14.90 6.04
CA THR A 123 20.20 15.05 5.27
C THR A 123 20.05 16.12 4.17
N PHE A 124 18.87 16.19 3.57
CA PHE A 124 18.57 17.18 2.54
C PHE A 124 18.72 18.60 3.09
N CYS A 125 17.95 18.92 4.13
CA CYS A 125 17.94 20.25 4.73
C CYS A 125 19.35 20.71 5.13
N GLN A 126 20.09 19.81 5.77
CA GLN A 126 21.46 20.09 6.23
C GLN A 126 22.42 20.40 5.07
N SER A 127 22.18 19.75 3.93
CA SER A 127 23.00 19.94 2.74
C SER A 127 22.75 21.31 2.10
N ILE A 128 21.49 21.74 2.08
CA ILE A 128 21.13 23.05 1.54
C ILE A 128 21.60 24.18 2.44
N ILE A 129 21.43 24.02 3.75
CA ILE A 129 21.88 25.01 4.74
C ILE A 129 23.37 25.27 4.60
N SER A 130 24.13 24.21 4.33
CA SER A 130 25.58 24.27 4.18
C SER A 130 26.04 25.10 2.97
N THR A 131 25.23 25.14 1.92
CA THR A 131 25.59 25.79 0.66
C THR A 131 25.16 27.26 0.56
N LEU A 132 24.53 27.78 1.62
CA LEU A 132 24.10 29.18 1.67
C LEU A 132 24.00 29.68 3.11
N SER B 5 -21.82 -38.16 -2.83
CA SER B 5 -20.71 -37.70 -1.95
C SER B 5 -21.13 -36.47 -1.13
N SER B 6 -20.74 -36.44 0.14
CA SER B 6 -21.01 -35.30 1.03
C SER B 6 -20.17 -34.09 0.64
N THR B 7 -19.14 -34.35 -0.14
CA THR B 7 -18.21 -33.33 -0.59
C THR B 7 -18.78 -32.45 -1.72
N LYS B 8 -19.80 -32.97 -2.42
CA LYS B 8 -20.38 -32.29 -3.58
C LYS B 8 -20.66 -30.80 -3.37
N LYS B 9 -21.38 -30.47 -2.30
CA LYS B 9 -21.77 -29.08 -2.01
C LYS B 9 -20.56 -28.15 -1.86
N THR B 10 -19.48 -28.71 -1.31
CA THR B 10 -18.21 -28.00 -1.15
C THR B 10 -17.50 -27.87 -2.49
N GLN B 11 -17.57 -28.93 -3.30
CA GLN B 11 -16.97 -28.94 -4.63
C GLN B 11 -17.54 -27.81 -5.47
N LEU B 12 -18.87 -27.74 -5.52
CA LEU B 12 -19.59 -26.73 -6.28
C LEU B 12 -19.22 -25.32 -5.80
N GLN B 13 -19.18 -25.15 -4.49
CA GLN B 13 -18.83 -23.88 -3.87
C GLN B 13 -17.40 -23.47 -4.21
N LEU B 14 -16.50 -24.44 -4.25
CA LEU B 14 -15.13 -24.19 -4.67
C LEU B 14 -15.04 -23.86 -6.17
N GLU B 15 -15.93 -24.45 -6.96
CA GLU B 15 -16.01 -24.12 -8.39
C GLU B 15 -16.57 -22.71 -8.63
N HIS B 16 -17.57 -22.32 -7.83
CA HIS B 16 -18.15 -20.98 -7.94
C HIS B 16 -17.13 -19.89 -7.62
N LEU B 17 -16.37 -20.09 -6.54
CA LEU B 17 -15.32 -19.15 -6.15
C LEU B 17 -14.23 -19.09 -7.24
N LEU B 18 -13.87 -20.27 -7.75
CA LEU B 18 -12.89 -20.38 -8.83
C LEU B 18 -13.34 -19.60 -10.07
N LEU B 19 -14.61 -19.74 -10.43
CA LEU B 19 -15.18 -19.02 -11.56
C LEU B 19 -15.20 -17.51 -11.35
N ASP B 20 -15.57 -17.09 -10.14
CA ASP B 20 -15.62 -15.67 -9.78
C ASP B 20 -14.25 -15.02 -9.89
N LEU B 21 -13.20 -15.71 -9.44
CA LEU B 21 -11.84 -15.22 -9.53
C LEU B 21 -11.33 -15.22 -10.97
N GLN B 22 -11.80 -16.22 -11.75
CA GLN B 22 -11.45 -16.33 -13.17
C GLN B 22 -12.06 -15.19 -13.98
N MET B 23 -13.30 -14.82 -13.65
CA MET B 23 -14.00 -13.70 -14.25
C MET B 23 -13.20 -12.41 -14.11
N ILE B 24 -12.78 -12.14 -12.87
CA ILE B 24 -12.03 -10.93 -12.53
C ILE B 24 -10.70 -10.90 -13.27
N LEU B 25 -9.91 -11.96 -13.13
CA LEU B 25 -8.62 -12.07 -13.81
C LEU B 25 -8.75 -11.86 -15.32
N ASN B 26 -9.69 -12.58 -15.95
CA ASN B 26 -9.96 -12.44 -17.38
C ASN B 26 -10.34 -11.02 -17.78
N GLY B 27 -11.09 -10.33 -16.91
CA GLY B 27 -11.53 -8.96 -17.19
C GLY B 27 -10.50 -7.90 -16.86
N ILE B 28 -9.55 -8.26 -16.01
CA ILE B 28 -8.53 -7.35 -15.50
C ILE B 28 -7.25 -7.43 -16.34
N ASN B 29 -6.78 -8.65 -16.58
CA ASN B 29 -5.53 -8.90 -17.29
C ASN B 29 -5.75 -8.97 -18.80
N ASN B 30 -6.03 -7.81 -19.40
CA ASN B 30 -6.32 -7.70 -20.81
C ASN B 30 -5.54 -6.55 -21.44
N TYR B 31 -5.27 -6.62 -22.74
CA TYR B 31 -4.61 -5.53 -23.45
C TYR B 31 -5.55 -4.33 -23.58
N LYS B 32 -6.86 -4.61 -23.53
CA LYS B 32 -7.90 -3.58 -23.65
C LYS B 32 -8.12 -2.80 -22.36
N ASN B 33 -7.49 -3.26 -21.28
CA ASN B 33 -7.45 -2.55 -20.00
C ASN B 33 -6.56 -1.32 -20.13
N PRO B 34 -7.14 -0.13 -20.02
CA PRO B 34 -6.37 1.12 -20.13
C PRO B 34 -5.45 1.34 -18.93
N LYS B 35 -5.81 0.74 -17.80
CA LYS B 35 -5.06 0.92 -16.56
C LYS B 35 -4.25 -0.32 -16.21
N LEU B 36 -3.83 -1.07 -17.22
CA LEU B 36 -3.05 -2.30 -17.03
C LEU B 36 -1.72 -2.05 -16.34
N THR B 37 -0.96 -1.08 -16.83
CA THR B 37 0.36 -0.75 -16.29
C THR B 37 0.32 -0.40 -14.80
N ARG B 38 -0.58 0.53 -14.46
CA ARG B 38 -0.70 1.04 -13.10
C ARG B 38 -1.28 0.02 -12.13
N MET B 39 -2.24 -0.78 -12.61
CA MET B 39 -2.89 -1.82 -11.81
C MET B 39 -1.87 -2.83 -11.29
N LEU B 40 -0.87 -3.14 -12.10
CA LEU B 40 0.12 -4.14 -11.74
C LEU B 40 1.13 -3.64 -10.68
N THR B 41 1.14 -2.33 -10.43
CA THR B 41 2.01 -1.74 -9.42
C THR B 41 1.53 -1.98 -7.99
N PHE B 42 0.23 -2.29 -7.86
CA PHE B 42 -0.38 -2.56 -6.55
C PHE B 42 0.15 -3.86 -5.98
N LYS B 43 0.59 -3.82 -4.73
CA LYS B 43 1.19 -4.99 -4.08
C LYS B 43 0.20 -5.76 -3.21
N PHE B 44 0.14 -7.07 -3.41
CA PHE B 44 -0.82 -7.93 -2.73
C PHE B 44 -0.14 -8.91 -1.79
N TYR B 45 -0.80 -9.19 -0.67
CA TYR B 45 -0.29 -10.17 0.28
C TYR B 45 -0.60 -11.59 -0.17
N MET B 46 0.45 -12.38 -0.29
CA MET B 46 0.36 -13.80 -0.64
C MET B 46 0.44 -14.67 0.62
N PRO B 47 -0.22 -15.82 0.61
CA PRO B 47 -0.11 -16.77 1.73
C PRO B 47 1.22 -17.55 1.72
N LYS B 48 1.71 -17.90 2.90
CA LYS B 48 2.90 -18.76 3.03
C LYS B 48 2.56 -20.18 2.62
N LYS B 49 1.42 -20.66 3.11
CA LYS B 49 0.90 -21.98 2.76
C LYS B 49 -0.54 -21.82 2.28
N ALA B 50 -0.86 -22.48 1.17
CA ALA B 50 -2.20 -22.41 0.60
C ALA B 50 -2.70 -23.82 0.28
N THR B 51 -2.81 -24.65 1.32
CA THR B 51 -3.13 -26.08 1.15
C THR B 51 -4.40 -26.52 1.86
N GLU B 52 -4.91 -25.69 2.76
CA GLU B 52 -6.07 -26.02 3.59
C GLU B 52 -7.11 -24.91 3.60
N LEU B 53 -8.35 -25.26 3.91
CA LEU B 53 -9.48 -24.33 3.86
C LEU B 53 -9.31 -23.12 4.79
N LYS B 54 -8.72 -23.36 5.96
CA LYS B 54 -8.47 -22.29 6.94
C LYS B 54 -7.55 -21.20 6.40
N HIS B 55 -6.87 -21.48 5.29
CA HIS B 55 -5.98 -20.51 4.67
C HIS B 55 -6.74 -19.51 3.81
N LEU B 56 -8.06 -19.71 3.67
CA LEU B 56 -8.91 -18.75 2.97
C LEU B 56 -8.99 -17.40 3.69
N GLN B 57 -8.59 -17.41 4.96
CA GLN B 57 -8.40 -16.19 5.75
C GLN B 57 -7.41 -15.24 5.07
N CYS B 58 -6.41 -15.80 4.39
CA CYS B 58 -5.45 -15.00 3.63
C CYS B 58 -6.12 -14.28 2.45
N LEU B 59 -7.08 -14.95 1.82
CA LEU B 59 -7.85 -14.34 0.75
C LEU B 59 -8.81 -13.31 1.33
N GLU B 60 -9.56 -13.71 2.36
CA GLU B 60 -10.51 -12.84 3.05
C GLU B 60 -9.89 -11.50 3.43
N GLU B 61 -8.70 -11.54 4.04
CA GLU B 61 -8.03 -10.35 4.54
C GLU B 61 -7.47 -9.46 3.43
N GLU B 62 -7.47 -9.96 2.20
CA GLU B 62 -7.01 -9.18 1.06
C GLU B 62 -8.14 -8.77 0.11
N LEU B 63 -9.39 -8.98 0.54
CA LEU B 63 -10.55 -8.60 -0.26
C LEU B 63 -10.80 -7.09 -0.30
N LYS B 64 -10.34 -6.38 0.73
CA LYS B 64 -10.43 -4.92 0.75
C LYS B 64 -9.52 -4.26 -0.30
N PRO B 65 -8.22 -4.60 -0.34
CA PRO B 65 -7.34 -4.14 -1.42
C PRO B 65 -7.83 -4.55 -2.81
N LEU B 66 -8.39 -5.75 -2.93
CA LEU B 66 -8.96 -6.22 -4.19
C LEU B 66 -10.04 -5.27 -4.68
N GLU B 67 -10.99 -4.95 -3.79
CA GLU B 67 -12.06 -4.01 -4.11
C GLU B 67 -11.54 -2.62 -4.48
N GLU B 68 -10.46 -2.20 -3.84
CA GLU B 68 -9.83 -0.91 -4.12
C GLU B 68 -9.27 -0.88 -5.55
N VAL B 69 -8.61 -1.97 -5.92
CA VAL B 69 -8.02 -2.09 -7.25
C VAL B 69 -9.11 -2.21 -8.31
N LEU B 70 -10.14 -3.00 -8.03
CA LEU B 70 -11.25 -3.19 -8.96
C LEU B 70 -11.98 -1.87 -9.25
N ASN B 71 -12.16 -1.06 -8.22
CA ASN B 71 -12.75 0.27 -8.37
C ASN B 71 -11.85 1.23 -9.16
N LEU B 72 -10.54 1.11 -8.99
CA LEU B 72 -9.57 1.94 -9.71
C LEU B 72 -9.37 1.48 -11.16
N ALA B 73 -9.70 0.21 -11.44
CA ALA B 73 -9.55 -0.36 -12.77
C ALA B 73 -10.84 -0.30 -13.60
N GLN B 74 -11.81 0.45 -13.10
CA GLN B 74 -13.08 0.64 -13.79
C GLN B 74 -12.91 1.45 -15.07
N SER B 75 -13.28 0.84 -16.19
CA SER B 75 -13.27 1.49 -17.50
C SER B 75 -14.27 0.81 -18.42
N LYS B 76 -13.82 0.47 -19.63
CA LYS B 76 -14.62 -0.30 -20.59
C LYS B 76 -13.79 -1.51 -21.02
N ASN B 77 -14.38 -2.69 -20.89
CA ASN B 77 -13.71 -4.00 -20.94
C ASN B 77 -13.81 -4.64 -19.55
N PHE B 78 -13.75 -3.80 -18.52
CA PHE B 78 -14.16 -4.17 -17.17
C PHE B 78 -15.22 -3.22 -16.63
N HIS B 79 -16.38 -3.78 -16.33
CA HIS B 79 -17.61 -3.03 -16.13
C HIS B 79 -18.27 -3.30 -14.77
N LEU B 80 -18.12 -4.54 -14.29
CA LEU B 80 -18.88 -5.05 -13.15
C LEU B 80 -18.65 -4.30 -11.85
N ARG B 81 -19.72 -4.17 -11.06
CA ARG B 81 -19.68 -3.49 -9.76
C ARG B 81 -18.82 -4.26 -8.75
N PRO B 82 -17.77 -3.61 -8.25
CA PRO B 82 -16.80 -4.26 -7.35
C PRO B 82 -17.39 -4.71 -6.01
N ARG B 83 -18.36 -3.97 -5.47
CA ARG B 83 -18.97 -4.31 -4.19
C ARG B 83 -19.80 -5.59 -4.25
N ASP B 84 -20.47 -5.82 -5.37
CA ASP B 84 -21.26 -7.03 -5.59
C ASP B 84 -20.36 -8.23 -5.86
N LEU B 85 -19.26 -7.98 -6.56
CA LEU B 85 -18.27 -9.00 -6.91
C LEU B 85 -17.55 -9.53 -5.67
N ILE B 86 -17.14 -8.62 -4.78
CA ILE B 86 -16.47 -8.97 -3.53
C ILE B 86 -17.46 -9.62 -2.55
N SER B 87 -18.67 -9.09 -2.50
CA SER B 87 -19.75 -9.62 -1.66
C SER B 87 -20.00 -11.11 -1.94
N ASN B 88 -20.17 -11.45 -3.21
CA ASN B 88 -20.32 -12.83 -3.66
C ASN B 88 -19.15 -13.72 -3.23
N ILE B 89 -17.94 -13.24 -3.45
CA ILE B 89 -16.72 -13.97 -3.11
C ILE B 89 -16.65 -14.22 -1.60
N ASN B 90 -16.97 -13.18 -0.83
CA ASN B 90 -16.99 -13.28 0.63
C ASN B 90 -18.06 -14.23 1.18
N VAL B 91 -19.21 -14.29 0.50
CA VAL B 91 -20.29 -15.22 0.86
C VAL B 91 -19.85 -16.68 0.68
N ILE B 92 -19.15 -16.95 -0.42
CA ILE B 92 -18.60 -18.29 -0.69
C ILE B 92 -17.48 -18.62 0.30
N VAL B 93 -16.59 -17.67 0.54
CA VAL B 93 -15.45 -17.85 1.43
C VAL B 93 -15.90 -18.23 2.85
N LEU B 94 -16.92 -17.54 3.35
CA LEU B 94 -17.47 -17.83 4.67
C LEU B 94 -18.23 -19.16 4.71
N GLU B 95 -18.81 -19.55 3.57
CA GLU B 95 -19.49 -20.84 3.45
C GLU B 95 -18.51 -22.00 3.54
N LEU B 96 -17.30 -21.78 3.03
CA LEU B 96 -16.30 -22.83 2.93
C LEU B 96 -15.52 -23.08 4.23
N LYS B 97 -15.22 -22.01 4.96
CA LYS B 97 -14.36 -22.12 6.13
C LYS B 97 -15.08 -22.02 7.48
N GLY B 98 -16.32 -21.53 7.46
CA GLY B 98 -17.13 -21.41 8.66
C GLY B 98 -16.87 -20.15 9.46
N SER B 99 -17.56 -20.04 10.60
CA SER B 99 -17.46 -18.87 11.47
C SER B 99 -16.90 -19.22 12.86
N GLU B 100 -17.07 -20.48 13.27
CA GLU B 100 -16.59 -20.97 14.56
C GLU B 100 -15.06 -20.95 14.64
N THR B 101 -14.41 -21.39 13.57
CA THR B 101 -12.96 -21.44 13.49
C THR B 101 -12.40 -20.16 12.88
N THR B 102 -11.67 -19.38 13.69
CA THR B 102 -10.95 -18.22 13.20
C THR B 102 -9.46 -18.51 13.23
N PHE B 103 -8.72 -18.00 12.23
CA PHE B 103 -7.30 -18.30 12.12
C PHE B 103 -6.44 -17.09 11.78
N MET B 104 -5.23 -17.06 12.32
CA MET B 104 -4.23 -16.08 11.96
C MET B 104 -3.55 -16.53 10.68
N CYS B 105 -3.60 -15.69 9.65
CA CYS B 105 -3.00 -16.01 8.36
C CYS B 105 -1.51 -15.67 8.30
N GLU B 106 -0.71 -16.65 7.89
CA GLU B 106 0.72 -16.44 7.69
C GLU B 106 0.98 -15.98 6.26
N TYR B 107 1.67 -14.85 6.13
CA TYR B 107 1.94 -14.25 4.83
C TYR B 107 3.37 -14.50 4.35
N ALA B 108 3.53 -14.65 3.04
CA ALA B 108 4.85 -14.78 2.42
C ALA B 108 5.64 -13.47 2.55
N ASP B 109 6.97 -13.57 2.45
CA ASP B 109 7.85 -12.41 2.63
C ASP B 109 7.75 -11.40 1.48
N GLU B 110 7.51 -11.90 0.28
CA GLU B 110 7.39 -11.07 -0.92
C GLU B 110 5.92 -10.86 -1.29
N THR B 111 5.60 -9.65 -1.73
CA THR B 111 4.27 -9.33 -2.25
C THR B 111 4.17 -9.71 -3.74
N ALA B 112 3.01 -9.49 -4.34
CA ALA B 112 2.79 -9.86 -5.74
C ALA B 112 1.77 -8.94 -6.43
N THR B 113 1.67 -9.11 -7.75
CA THR B 113 0.69 -8.37 -8.56
C THR B 113 -0.70 -8.98 -8.40
N ILE B 114 -1.70 -8.29 -8.92
CA ILE B 114 -3.07 -8.81 -8.93
C ILE B 114 -3.19 -10.11 -9.73
N VAL B 115 -2.31 -10.28 -10.72
CA VAL B 115 -2.31 -11.47 -11.57
C VAL B 115 -1.88 -12.73 -10.81
N GLU B 116 -0.73 -12.66 -10.13
CA GLU B 116 -0.25 -13.79 -9.33
C GLU B 116 -1.14 -14.05 -8.13
N PHE B 117 -1.67 -12.98 -7.54
CA PHE B 117 -2.59 -13.08 -6.42
C PHE B 117 -3.82 -13.89 -6.83
N LEU B 118 -4.43 -13.49 -7.95
CA LEU B 118 -5.63 -14.15 -8.44
C LEU B 118 -5.35 -15.58 -8.89
N ASN B 119 -4.21 -15.80 -9.54
CA ASN B 119 -3.82 -17.14 -9.97
C ASN B 119 -3.55 -18.10 -8.81
N ARG B 120 -2.92 -17.60 -7.75
CA ARG B 120 -2.63 -18.39 -6.56
C ARG B 120 -3.90 -18.99 -5.94
N TRP B 121 -4.95 -18.17 -5.87
CA TRP B 121 -6.23 -18.59 -5.29
C TRP B 121 -7.05 -19.46 -6.25
N ILE B 122 -6.91 -19.19 -7.54
CA ILE B 122 -7.49 -20.04 -8.58
C ILE B 122 -6.91 -21.44 -8.43
N THR B 123 -5.58 -21.54 -8.38
CA THR B 123 -4.90 -22.82 -8.19
C THR B 123 -5.32 -23.46 -6.86
N PHE B 124 -5.49 -22.63 -5.84
CA PHE B 124 -5.89 -23.10 -4.51
C PHE B 124 -7.21 -23.86 -4.56
N CYS B 125 -8.22 -23.25 -5.19
CA CYS B 125 -9.54 -23.88 -5.35
C CYS B 125 -9.45 -25.21 -6.09
N GLN B 126 -8.69 -25.23 -7.19
CA GLN B 126 -8.43 -26.43 -7.96
C GLN B 126 -7.85 -27.51 -7.08
N SER B 127 -6.81 -27.12 -6.34
CA SER B 127 -6.10 -28.02 -5.43
C SER B 127 -7.03 -28.66 -4.41
N ILE B 128 -7.94 -27.87 -3.84
CA ILE B 128 -8.91 -28.42 -2.89
C ILE B 128 -9.96 -29.29 -3.61
N ILE B 129 -10.46 -28.82 -4.75
CA ILE B 129 -11.40 -29.60 -5.56
C ILE B 129 -10.83 -30.99 -5.87
N SER B 130 -9.55 -31.03 -6.23
CA SER B 130 -8.83 -32.29 -6.48
C SER B 130 -8.80 -33.23 -5.27
N THR B 131 -8.47 -32.69 -4.09
CA THR B 131 -8.32 -33.52 -2.88
C THR B 131 -9.62 -34.16 -2.40
N LEU B 132 -10.72 -33.42 -2.46
CA LEU B 132 -12.01 -33.98 -2.07
C LEU B 132 -12.79 -34.58 -3.24
N THR B 133 -12.09 -34.92 -4.32
CA THR B 133 -12.71 -35.50 -5.50
C THR B 133 -12.58 -37.03 -5.56
S SO4 C . 0.40 5.96 -4.23
O1 SO4 C . -0.82 6.05 -5.03
O2 SO4 C . 0.71 7.27 -3.66
O3 SO4 C . 0.18 5.01 -3.15
O4 SO4 C . 1.51 5.54 -5.06
N1 FRB D . 1.64 6.79 -0.56
C2 FRB D . 2.67 5.96 -0.58
N3 FRB D . 3.86 6.35 -0.08
N4 FRB D . 2.51 4.74 -1.09
C5 FRB D . 2.71 3.49 -0.40
C6 FRB D . 3.10 2.48 -1.47
C7 FRB D . 4.45 2.83 -2.11
C8 FRB D . 4.77 1.92 -3.29
C9 FRB D . 4.77 0.46 -2.86
C10 FRB D . 3.48 0.08 -2.13
C11 FRB D . 3.15 1.03 -0.98
C12 FRB D . 1.46 3.07 0.36
O13 FRB D . 0.39 3.08 -0.21
N14 FRB D . 1.61 2.74 1.64
C15 FRB D . 1.09 1.62 2.17
C16 FRB D . 1.75 0.90 3.10
O17 FRB D . 2.97 1.02 3.17
N18 FRB D . 1.09 0.01 4.01
C19 FRB D . -0.38 -0.08 4.08
C20 FRB D . -0.82 0.19 5.52
C23 FRB D . 1.86 -0.84 4.94
C22 FRB D . 1.41 -0.62 6.38
C21 FRB D . -0.11 -0.70 6.56
C24 FRB D . -0.61 -0.29 7.91
N25 FRB D . -1.88 -0.10 8.32
N26 FRB D . -1.88 0.25 9.58
C28 FRB D . 0.28 -0.05 8.95
C27 FRB D . -0.61 0.29 9.96
C29 FRB D . -0.31 0.63 11.28
C34 FRB D . 0.74 1.63 11.66
CL36 FRB D . 1.76 2.48 10.45
C30 FRB D . -1.04 0.04 12.31
C31 FRB D . -0.81 0.34 13.64
C32 FRB D . 0.17 1.27 14.04
C33 FRB D . 0.95 1.92 13.09
CL35 FRB D . 2.20 3.10 13.59
N1 FRB E . -3.28 -4.71 1.83
C2 FRB E . -2.10 -4.70 1.23
N3 FRB E . -1.80 -5.65 0.36
N4 FRB E . -1.22 -3.74 1.55
C5 FRB E . -0.32 -3.12 0.59
C6 FRB E . 1.06 -3.05 1.25
C7 FRB E . 1.63 -4.47 1.46
C8 FRB E . 3.01 -4.45 2.12
C9 FRB E . 3.99 -3.55 1.37
C10 FRB E . 3.42 -2.15 1.14
C11 FRB E . 2.06 -2.21 0.46
C12 FRB E . -0.81 -1.77 0.15
O13 FRB E . -1.16 -0.93 0.97
N14 FRB E . -0.85 -1.55 -1.16
C15 FRB E . -0.39 -0.41 -1.68
C16 FRB E . 0.12 -0.38 -2.93
O17 FRB E . 0.58 -1.41 -3.41
N18 FRB E . 0.13 0.82 -3.70
C19 FRB E . -0.67 1.97 -3.27
C20 FRB E . -1.58 2.39 -4.43
C23 FRB E . 0.91 0.92 -4.95
C22 FRB E . -0.01 1.34 -6.11
C21 FRB E . -0.80 2.60 -5.74
C24 FRB E . -1.77 3.08 -6.77
N25 FRB E . -2.35 4.29 -6.83
N26 FRB E . -3.14 4.33 -7.87
C28 FRB E . -2.18 2.27 -7.82
C27 FRB E . -3.03 3.14 -8.46
C29 FRB E . -3.80 2.92 -9.61
C34 FRB E . -4.49 1.64 -9.90
CL36 FRB E . -4.38 0.20 -8.84
C30 FRB E . -3.97 3.97 -10.51
C31 FRB E . -4.73 3.85 -11.67
C32 FRB E . -5.39 2.65 -11.99
C33 FRB E . -5.30 1.55 -11.15
CL35 FRB E . -6.15 0.02 -11.56
#